data_5AR4
#
_entry.id   5AR4
#
_cell.length_a   131.217
_cell.length_b   131.217
_cell.length_c   106.904
_cell.angle_alpha   90.00
_cell.angle_beta   90.00
_cell.angle_gamma   120.00
#
_symmetry.space_group_name_H-M   'P 32 2 1'
#
loop_
_entity.id
_entity.type
_entity.pdbx_description
1 polymer 'RECEPTOR-INTERACTING SERINE/THREONINE-PROTEIN KINASE 2'
2 non-polymer 4-[5-(4-FLUORO-PHENYL)-2-(4-METHANESULFINYL-PHENYL)-3H-IMIDAZOL-4-YL]-PYRIDINE
3 water water
#
_entity_poly.entity_id   1
_entity_poly.type   'polypeptide(L)'
_entity_poly.pdbx_seq_one_letter_code
;MDYKDDDDKENLYFQGMNGEAICSALPTIPYHKLADLRYLSRGASGTVSSARHADWRVQVAVKHLHIHTPLLDSERKDVL
REAEILHKARFSYILPILGICNEPEFLGIVTEYMPNGSLNELLHRKTEYPDVAWPLRFRILHEIALGVNYLHNMTPPLLH
HDLKTQNILLDNEFHVKIADFGLSKWRMMSLSQSRSSKSAPEGGTIIYMPPENYEPGQKSRASIKHDIYSYAVITWEVLS
RKQPFEDVTNPLQIMYSVSQGHRPVINEESLPYDIPHRARMISLIESGWAQNPDERPSFLKCLIELEPVLRTFEEITFLE
AVIQLK
;
_entity_poly.pdbx_strand_id   A,B
#
loop_
_chem_comp.id
_chem_comp.type
_chem_comp.name
_chem_comp.formula
SB2 non-polymer 4-[5-(4-FLUORO-PHENYL)-2-(4-METHANESULFINYL-PHENYL)-3H-IMIDAZOL-4-YL]-PYRIDINE 'C21 H16 F N3 O S'
#
# COMPACT_ATOMS: atom_id res chain seq x y z
N ALA A 21 -0.08 21.80 13.51
CA ALA A 21 0.68 20.82 12.73
C ALA A 21 0.42 19.39 13.20
N ILE A 22 0.01 18.50 12.27
CA ILE A 22 -0.22 17.07 12.59
C ILE A 22 1.08 16.32 12.26
N CYS A 23 1.91 16.13 13.29
CA CYS A 23 3.22 15.46 13.16
C CYS A 23 3.13 14.00 13.54
N SER A 24 3.99 13.17 12.93
CA SER A 24 4.13 11.73 13.17
C SER A 24 5.62 11.43 13.20
N ALA A 25 6.06 10.71 14.23
CA ALA A 25 7.47 10.37 14.37
C ALA A 25 7.74 9.00 13.82
N LEU A 26 8.84 8.85 13.05
CA LEU A 26 9.22 7.58 12.46
C LEU A 26 9.64 6.63 13.56
N PRO A 27 8.98 5.44 13.65
CA PRO A 27 9.31 4.49 14.71
C PRO A 27 10.77 4.10 14.75
N THR A 28 11.30 3.84 15.96
CA THR A 28 12.66 3.35 16.18
C THR A 28 12.54 1.84 16.40
N ILE A 29 13.21 1.06 15.53
CA ILE A 29 13.14 -0.40 15.56
C ILE A 29 14.42 -0.96 16.18
N PRO A 30 14.29 -1.76 17.26
CA PRO A 30 15.49 -2.34 17.87
C PRO A 30 16.03 -3.46 17.00
N TYR A 31 17.32 -3.45 16.70
CA TYR A 31 17.98 -4.44 15.83
C TYR A 31 17.65 -5.90 16.20
N HIS A 32 17.28 -6.15 17.46
CA HIS A 32 16.97 -7.52 17.89
C HIS A 32 15.56 -7.94 17.44
N LYS A 33 14.70 -6.97 17.09
CA LYS A 33 13.34 -7.19 16.56
C LYS A 33 13.36 -7.57 15.06
N LEU A 34 14.50 -7.34 14.36
CA LEU A 34 14.71 -7.71 12.94
C LEU A 34 15.35 -9.10 12.87
N ALA A 35 14.52 -10.13 12.73
CA ALA A 35 14.93 -11.53 12.62
C ALA A 35 15.21 -11.94 11.15
N ASP A 36 15.87 -13.12 10.94
CA ASP A 36 16.25 -13.72 9.65
C ASP A 36 16.90 -12.74 8.62
N LEU A 37 17.74 -11.79 9.11
CA LEU A 37 18.43 -10.78 8.30
C LEU A 37 19.38 -11.44 7.29
N ARG A 38 18.84 -11.76 6.10
CA ARG A 38 19.49 -12.44 4.97
C ARG A 38 19.64 -11.46 3.79
N TYR A 39 20.88 -11.30 3.30
CA TYR A 39 21.31 -10.44 2.19
C TYR A 39 20.39 -10.52 0.97
N LEU A 40 20.21 -9.38 0.28
CA LEU A 40 19.39 -9.33 -0.93
C LEU A 40 20.21 -8.88 -2.10
N SER A 41 20.77 -7.67 -2.01
CA SER A 41 21.57 -7.01 -3.03
C SER A 41 22.22 -5.77 -2.45
N ARG A 42 22.76 -4.93 -3.32
CA ARG A 42 23.31 -3.64 -2.93
C ARG A 42 22.22 -2.59 -3.25
N GLY A 43 22.49 -1.35 -2.89
CA GLY A 43 21.62 -0.20 -3.11
C GLY A 43 22.48 1.03 -3.17
N ALA A 44 21.92 2.15 -3.64
CA ALA A 44 22.64 3.43 -3.75
C ALA A 44 23.63 3.70 -2.58
N SER A 45 23.08 3.88 -1.35
CA SER A 45 23.83 4.16 -0.13
C SER A 45 24.73 2.98 0.27
N GLY A 46 24.12 1.83 0.59
CA GLY A 46 24.86 0.64 1.01
C GLY A 46 24.27 -0.70 0.61
N THR A 47 24.16 -1.62 1.58
CA THR A 47 23.63 -2.99 1.41
C THR A 47 22.12 -3.08 1.70
N VAL A 48 21.44 -3.94 0.92
CA VAL A 48 20.01 -4.24 1.08
C VAL A 48 19.89 -5.69 1.52
N SER A 49 19.20 -5.90 2.66
CA SER A 49 18.93 -7.23 3.22
C SER A 49 17.44 -7.36 3.45
N SER A 50 16.95 -8.59 3.43
CA SER A 50 15.56 -8.85 3.76
C SER A 50 15.59 -9.38 5.20
N ALA A 51 14.51 -9.18 5.95
CA ALA A 51 14.39 -9.63 7.32
C ALA A 51 12.89 -9.79 7.64
N ARG A 52 12.57 -9.98 8.93
CA ARG A 52 11.19 -10.10 9.41
C ARG A 52 11.08 -9.43 10.77
N HIS A 53 10.01 -8.66 10.98
CA HIS A 53 9.80 -8.02 12.28
C HIS A 53 9.21 -9.08 13.20
N ALA A 54 9.79 -9.18 14.41
CA ALA A 54 9.44 -10.17 15.45
C ALA A 54 8.03 -9.98 15.98
N ASP A 55 7.64 -8.72 16.24
CA ASP A 55 6.33 -8.36 16.77
C ASP A 55 5.29 -8.09 15.69
N TRP A 56 5.66 -7.32 14.62
CA TRP A 56 4.69 -6.91 13.58
C TRP A 56 4.28 -8.05 12.66
N ARG A 57 5.17 -9.07 12.50
CA ARG A 57 4.95 -10.33 11.78
C ARG A 57 4.90 -10.16 10.25
N VAL A 58 5.73 -9.24 9.75
CA VAL A 58 5.80 -8.91 8.33
C VAL A 58 7.22 -9.03 7.82
N GLN A 59 7.36 -9.24 6.49
CA GLN A 59 8.64 -9.26 5.79
C GLN A 59 9.03 -7.81 5.60
N VAL A 60 10.31 -7.48 5.79
CA VAL A 60 10.78 -6.11 5.65
C VAL A 60 12.06 -6.08 4.83
N ALA A 61 12.56 -4.86 4.52
CA ALA A 61 13.82 -4.63 3.83
C ALA A 61 14.62 -3.70 4.68
N VAL A 62 15.92 -3.99 4.81
CA VAL A 62 16.84 -3.17 5.60
C VAL A 62 17.99 -2.62 4.73
N LYS A 63 18.24 -1.30 4.82
CA LYS A 63 19.34 -0.65 4.10
C LYS A 63 20.37 -0.09 5.09
N HIS A 64 21.58 -0.67 5.09
CA HIS A 64 22.70 -0.31 5.98
C HIS A 64 24.03 -0.28 5.22
N LEU A 65 24.94 0.63 5.60
CA LEU A 65 26.28 0.67 4.99
C LEU A 65 27.14 -0.48 5.59
N HIS A 66 27.86 -1.23 4.71
CA HIS A 66 28.70 -2.37 5.10
C HIS A 66 30.17 -1.96 5.28
N LEU A 72 32.72 8.39 9.21
CA LEU A 72 31.59 7.56 9.60
C LEU A 72 30.40 8.41 10.04
N ASP A 73 30.65 9.64 10.57
CA ASP A 73 29.60 10.58 11.01
C ASP A 73 28.88 11.19 9.81
N SER A 74 29.59 11.31 8.65
CA SER A 74 29.06 11.81 7.39
C SER A 74 28.09 10.75 6.83
N GLU A 75 28.51 9.46 6.89
CA GLU A 75 27.72 8.29 6.46
C GLU A 75 26.45 8.14 7.32
N ARG A 76 26.55 8.43 8.64
CA ARG A 76 25.45 8.38 9.60
C ARG A 76 24.41 9.47 9.31
N LYS A 77 24.88 10.69 8.94
CA LYS A 77 24.01 11.82 8.62
C LYS A 77 23.36 11.64 7.24
N ASP A 78 24.03 10.90 6.32
CA ASP A 78 23.57 10.56 4.98
C ASP A 78 22.39 9.56 5.04
N VAL A 79 22.50 8.55 5.94
CA VAL A 79 21.50 7.51 6.19
C VAL A 79 20.21 8.09 6.76
N LEU A 80 20.34 8.98 7.76
CA LEU A 80 19.18 9.57 8.43
C LEU A 80 18.45 10.59 7.56
N ARG A 81 19.16 11.17 6.56
CA ARG A 81 18.61 12.12 5.62
C ARG A 81 17.70 11.38 4.64
N GLU A 82 18.14 10.17 4.18
CA GLU A 82 17.39 9.29 3.28
C GLU A 82 16.09 8.86 3.96
N ALA A 83 16.18 8.48 5.24
CA ALA A 83 15.03 8.05 6.03
C ALA A 83 14.08 9.22 6.31
N GLU A 84 14.61 10.45 6.44
CA GLU A 84 13.79 11.65 6.64
C GLU A 84 13.01 11.96 5.33
N ILE A 85 13.68 11.78 4.16
CA ILE A 85 13.11 11.95 2.82
C ILE A 85 11.98 10.94 2.66
N LEU A 86 12.26 9.63 2.85
CA LEU A 86 11.27 8.56 2.74
C LEU A 86 10.04 8.81 3.62
N HIS A 87 10.25 9.25 4.88
CA HIS A 87 9.16 9.51 5.81
C HIS A 87 8.38 10.75 5.42
N LYS A 88 9.03 11.73 4.78
CA LYS A 88 8.33 12.97 4.38
C LYS A 88 7.65 12.85 2.99
N ALA A 89 8.23 12.01 2.08
CA ALA A 89 7.79 11.73 0.71
C ALA A 89 6.80 10.56 0.61
N ARG A 90 6.18 10.17 1.74
CA ARG A 90 5.15 9.15 1.82
C ARG A 90 4.03 9.44 0.82
N PHE A 91 3.76 8.46 -0.06
CA PHE A 91 2.72 8.48 -1.08
C PHE A 91 2.58 7.06 -1.62
N SER A 92 1.48 6.76 -2.34
CA SER A 92 1.13 5.46 -2.89
C SER A 92 2.17 4.83 -3.83
N TYR A 93 3.09 5.64 -4.42
CA TYR A 93 4.05 5.13 -5.40
C TYR A 93 5.51 5.36 -4.97
N ILE A 94 5.72 5.58 -3.66
CA ILE A 94 7.03 5.79 -3.02
C ILE A 94 7.22 4.64 -2.04
N LEU A 95 8.44 4.05 -1.99
CA LEU A 95 8.75 2.93 -1.08
C LEU A 95 8.35 3.29 0.35
N PRO A 96 7.37 2.61 0.96
CA PRO A 96 6.95 2.97 2.34
C PRO A 96 7.94 2.54 3.42
N ILE A 97 8.46 3.55 4.13
CA ILE A 97 9.40 3.41 5.26
C ILE A 97 8.62 2.97 6.48
N LEU A 98 9.09 1.90 7.14
CA LEU A 98 8.44 1.34 8.32
C LEU A 98 9.06 1.82 9.62
N GLY A 99 10.35 2.14 9.59
CA GLY A 99 11.07 2.65 10.74
C GLY A 99 12.58 2.75 10.59
N ILE A 100 13.23 3.39 11.58
CA ILE A 100 14.69 3.55 11.61
C ILE A 100 15.28 2.67 12.70
N CYS A 101 16.31 1.93 12.36
CA CYS A 101 17.03 1.08 13.29
C CYS A 101 18.31 1.85 13.62
N ASN A 102 18.28 2.67 14.71
CA ASN A 102 19.40 3.54 15.11
C ASN A 102 20.01 3.19 16.49
N GLU A 103 21.01 2.29 16.46
CA GLU A 103 21.76 1.74 17.60
C GLU A 103 23.28 1.90 17.37
N PRO A 104 24.19 1.64 18.37
CA PRO A 104 25.64 1.74 18.09
C PRO A 104 26.11 0.52 17.30
N GLU A 105 25.49 -0.64 17.56
CA GLU A 105 25.75 -1.93 16.91
C GLU A 105 25.33 -1.92 15.43
N PHE A 106 24.16 -1.34 15.13
CA PHE A 106 23.60 -1.32 13.79
C PHE A 106 22.83 -0.05 13.48
N LEU A 107 22.97 0.44 12.24
CA LEU A 107 22.22 1.58 11.70
C LEU A 107 21.63 1.17 10.33
N GLY A 108 20.30 1.13 10.26
CA GLY A 108 19.59 0.73 9.05
C GLY A 108 18.23 1.37 8.88
N ILE A 109 17.78 1.48 7.61
CA ILE A 109 16.46 2.00 7.24
C ILE A 109 15.58 0.78 6.98
N VAL A 110 14.45 0.71 7.68
CA VAL A 110 13.53 -0.39 7.53
C VAL A 110 12.33 0.05 6.70
N THR A 111 12.05 -0.68 5.61
CA THR A 111 10.94 -0.36 4.72
C THR A 111 10.17 -1.62 4.42
N GLU A 112 9.04 -1.49 3.73
CA GLU A 112 8.26 -2.66 3.29
C GLU A 112 9.09 -3.51 2.33
N TYR A 113 8.76 -4.79 2.23
CA TYR A 113 9.53 -5.63 1.35
C TYR A 113 8.85 -5.66 -0.03
N MET A 114 9.66 -5.41 -1.09
CA MET A 114 9.20 -5.42 -2.48
C MET A 114 9.62 -6.77 -3.04
N PRO A 115 8.68 -7.72 -3.16
CA PRO A 115 9.07 -9.07 -3.56
C PRO A 115 9.31 -9.30 -5.04
N ASN A 116 9.07 -8.30 -5.90
CA ASN A 116 9.15 -8.55 -7.35
C ASN A 116 10.29 -7.86 -8.07
N GLY A 117 11.35 -7.58 -7.34
CA GLY A 117 12.54 -6.97 -7.96
C GLY A 117 12.33 -5.52 -8.34
N SER A 118 12.89 -5.15 -9.50
CA SER A 118 12.84 -3.80 -10.04
C SER A 118 12.36 -3.85 -11.46
N LEU A 119 12.05 -2.70 -12.02
CA LEU A 119 11.59 -2.59 -13.39
C LEU A 119 12.68 -3.10 -14.35
N ASN A 120 13.96 -2.83 -14.04
CA ASN A 120 15.08 -3.29 -14.85
C ASN A 120 15.03 -4.82 -15.12
N GLU A 121 14.80 -5.63 -14.05
CA GLU A 121 14.70 -7.07 -14.10
C GLU A 121 13.45 -7.53 -14.87
N LEU A 122 12.29 -6.85 -14.69
CA LEU A 122 11.06 -7.22 -15.43
C LEU A 122 11.28 -7.07 -16.94
N LEU A 123 11.97 -5.98 -17.33
CA LEU A 123 12.25 -5.70 -18.72
C LEU A 123 13.29 -6.61 -19.36
N HIS A 124 14.41 -6.80 -18.68
CA HIS A 124 15.50 -7.48 -19.32
C HIS A 124 15.64 -8.99 -18.96
N ARG A 125 14.95 -9.51 -17.91
CA ARG A 125 14.96 -10.96 -17.64
C ARG A 125 13.88 -11.64 -18.48
N LYS A 126 14.13 -11.65 -19.81
CA LYS A 126 13.23 -12.18 -20.85
C LYS A 126 13.02 -13.69 -20.82
N THR A 127 13.91 -14.45 -20.16
CA THR A 127 13.77 -15.91 -19.99
C THR A 127 12.65 -16.13 -18.97
N GLU A 128 12.80 -15.51 -17.78
CA GLU A 128 11.85 -15.49 -16.68
C GLU A 128 10.52 -14.84 -17.12
N TYR A 129 10.58 -13.73 -17.90
CA TYR A 129 9.38 -12.98 -18.33
C TYR A 129 9.29 -12.85 -19.86
N PRO A 130 8.91 -13.91 -20.61
CA PRO A 130 8.84 -13.75 -22.08
C PRO A 130 7.79 -12.75 -22.52
N ASP A 131 6.67 -12.66 -21.77
CA ASP A 131 5.56 -11.78 -22.05
C ASP A 131 5.22 -10.86 -20.91
N VAL A 132 5.40 -9.54 -21.14
CA VAL A 132 5.03 -8.48 -20.21
C VAL A 132 3.99 -7.67 -20.98
N ALA A 133 2.69 -7.97 -20.75
CA ALA A 133 1.56 -7.37 -21.43
C ALA A 133 1.48 -5.86 -21.32
N TRP A 134 1.01 -5.21 -22.40
CA TRP A 134 0.86 -3.76 -22.53
C TRP A 134 0.12 -3.12 -21.40
N PRO A 135 -1.05 -3.63 -20.94
CA PRO A 135 -1.74 -2.95 -19.81
C PRO A 135 -0.81 -2.66 -18.63
N LEU A 136 -0.02 -3.65 -18.22
CA LEU A 136 0.94 -3.53 -17.12
C LEU A 136 2.08 -2.54 -17.41
N ARG A 137 2.65 -2.58 -18.60
CA ARG A 137 3.71 -1.62 -18.99
C ARG A 137 3.21 -0.17 -18.84
N PHE A 138 1.99 0.11 -19.31
CA PHE A 138 1.42 1.44 -19.24
C PHE A 138 1.09 1.83 -17.83
N ARG A 139 0.60 0.88 -17.02
CA ARG A 139 0.33 1.11 -15.60
C ARG A 139 1.63 1.48 -14.87
N ILE A 140 2.72 0.71 -15.12
CA ILE A 140 4.06 0.97 -14.57
C ILE A 140 4.50 2.42 -14.92
N LEU A 141 4.44 2.83 -16.21
CA LEU A 141 4.80 4.19 -16.62
C LEU A 141 3.92 5.25 -15.96
N HIS A 142 2.61 4.98 -15.84
CA HIS A 142 1.66 5.90 -15.18
C HIS A 142 2.09 6.13 -13.73
N GLU A 143 2.40 5.05 -12.99
CA GLU A 143 2.80 5.08 -11.57
C GLU A 143 4.17 5.69 -11.30
N ILE A 144 5.17 5.53 -12.20
CA ILE A 144 6.48 6.20 -12.04
C ILE A 144 6.20 7.73 -12.09
N ALA A 145 5.39 8.18 -13.09
CA ALA A 145 5.03 9.58 -13.28
C ALA A 145 4.26 10.14 -12.11
N LEU A 146 3.33 9.35 -11.53
CA LEU A 146 2.55 9.73 -10.36
C LEU A 146 3.48 9.90 -9.15
N GLY A 147 4.47 9.02 -9.02
CA GLY A 147 5.47 9.09 -7.95
C GLY A 147 6.36 10.31 -8.07
N VAL A 148 6.95 10.53 -9.26
CA VAL A 148 7.81 11.67 -9.48
C VAL A 148 7.01 12.99 -9.38
N ASN A 149 5.76 13.00 -9.90
CA ASN A 149 4.91 14.19 -9.83
C ASN A 149 4.59 14.60 -8.39
N TYR A 150 4.35 13.63 -7.50
CA TYR A 150 4.10 13.91 -6.09
C TYR A 150 5.34 14.64 -5.47
N LEU A 151 6.55 14.11 -5.71
CA LEU A 151 7.80 14.69 -5.23
C LEU A 151 7.94 16.15 -5.64
N HIS A 152 7.78 16.42 -6.95
CA HIS A 152 7.85 17.77 -7.54
C HIS A 152 6.80 18.71 -6.98
N ASN A 153 5.71 18.16 -6.43
CA ASN A 153 4.59 18.88 -5.84
C ASN A 153 4.71 19.09 -4.33
N MET A 154 5.79 18.55 -3.73
CA MET A 154 6.06 18.75 -2.30
C MET A 154 6.47 20.24 -2.07
N THR A 155 6.43 20.68 -0.81
CA THR A 155 6.83 22.06 -0.43
C THR A 155 7.96 21.95 0.59
N PRO A 156 9.21 22.18 0.11
CA PRO A 156 9.57 22.58 -1.27
C PRO A 156 9.61 21.40 -2.26
N PRO A 157 9.55 21.65 -3.59
CA PRO A 157 9.63 20.54 -4.55
C PRO A 157 10.87 19.68 -4.29
N LEU A 158 10.67 18.38 -4.18
CA LEU A 158 11.72 17.42 -3.96
C LEU A 158 12.02 16.80 -5.33
N LEU A 159 13.25 17.00 -5.81
CA LEU A 159 13.71 16.50 -7.09
C LEU A 159 14.37 15.16 -6.89
N HIS A 160 14.06 14.18 -7.76
CA HIS A 160 14.58 12.80 -7.70
C HIS A 160 16.06 12.78 -8.04
N HIS A 161 16.41 13.19 -9.27
CA HIS A 161 17.74 13.31 -9.89
C HIS A 161 18.51 11.98 -10.05
N ASP A 162 17.92 10.82 -9.67
CA ASP A 162 18.58 9.55 -9.97
C ASP A 162 17.56 8.48 -10.40
N LEU A 163 16.53 8.91 -11.14
CA LEU A 163 15.51 8.02 -11.68
C LEU A 163 16.12 7.05 -12.68
N LYS A 164 16.00 5.75 -12.40
CA LYS A 164 16.52 4.68 -13.26
C LYS A 164 15.67 3.42 -13.10
N THR A 165 15.70 2.51 -14.07
CA THR A 165 14.89 1.28 -13.97
C THR A 165 15.25 0.43 -12.72
N GLN A 166 16.50 0.51 -12.23
CA GLN A 166 17.02 -0.29 -11.13
C GLN A 166 16.48 0.08 -9.76
N ASN A 167 15.99 1.31 -9.57
CA ASN A 167 15.39 1.74 -8.31
C ASN A 167 13.86 2.00 -8.41
N ILE A 168 13.22 1.47 -9.48
CA ILE A 168 11.77 1.51 -9.68
C ILE A 168 11.40 0.10 -9.26
N LEU A 169 10.90 -0.02 -8.01
CA LEU A 169 10.61 -1.31 -7.38
C LEU A 169 9.19 -1.79 -7.63
N LEU A 170 8.99 -3.11 -7.62
CA LEU A 170 7.71 -3.75 -7.89
C LEU A 170 7.25 -4.57 -6.68
N ASP A 171 6.11 -4.20 -6.12
CA ASP A 171 5.53 -4.79 -4.93
C ASP A 171 4.80 -6.09 -5.27
N ASN A 172 4.10 -6.68 -4.27
CA ASN A 172 3.31 -7.92 -4.40
C ASN A 172 2.35 -7.94 -5.58
N GLU A 173 1.73 -6.79 -5.89
CA GLU A 173 0.74 -6.69 -6.98
C GLU A 173 1.29 -6.06 -8.26
N PHE A 174 2.62 -6.02 -8.40
CA PHE A 174 3.38 -5.41 -9.51
C PHE A 174 3.07 -3.91 -9.67
N HIS A 175 2.88 -3.22 -8.52
CA HIS A 175 2.68 -1.78 -8.49
C HIS A 175 4.04 -1.15 -8.24
N VAL A 176 4.22 0.10 -8.68
CA VAL A 176 5.49 0.78 -8.54
C VAL A 176 5.64 1.39 -7.17
N LYS A 177 6.88 1.35 -6.66
CA LYS A 177 7.36 2.04 -5.46
C LYS A 177 8.72 2.57 -5.86
N ILE A 178 8.83 3.90 -5.93
CA ILE A 178 10.09 4.55 -6.26
C ILE A 178 10.90 4.73 -4.97
N ALA A 179 12.21 4.54 -5.08
CA ALA A 179 13.24 4.63 -4.06
C ALA A 179 14.49 5.34 -4.64
N ASP A 180 15.43 5.74 -3.76
CA ASP A 180 16.72 6.40 -4.07
C ASP A 180 16.53 7.72 -4.78
N PHE A 181 15.67 8.57 -4.20
CA PHE A 181 15.38 9.92 -4.70
C PHE A 181 15.81 10.98 -3.71
N GLY A 182 16.21 12.13 -4.26
CA GLY A 182 16.67 13.31 -3.53
C GLY A 182 17.93 13.08 -2.73
N LEU A 183 18.87 12.28 -3.28
CA LEU A 183 20.11 11.90 -2.58
C LEU A 183 21.39 12.46 -3.25
N THR A 205 25.44 4.39 -13.56
CA THR A 205 24.79 4.30 -14.88
C THR A 205 24.42 5.70 -15.37
N ILE A 206 24.76 5.98 -16.64
CA ILE A 206 24.66 7.29 -17.24
C ILE A 206 23.57 7.46 -18.33
N ILE A 207 22.87 6.41 -18.73
CA ILE A 207 21.86 6.49 -19.80
C ILE A 207 20.61 7.32 -19.47
N TYR A 208 20.28 7.52 -18.19
CA TYR A 208 19.07 8.28 -17.81
C TYR A 208 19.41 9.71 -17.43
N MET A 209 20.69 10.10 -17.55
CA MET A 209 21.13 11.44 -17.19
C MET A 209 21.07 12.44 -18.35
N PRO A 210 20.38 13.61 -18.17
CA PRO A 210 20.35 14.63 -19.24
C PRO A 210 21.73 15.23 -19.55
N PRO A 211 22.03 15.54 -20.83
CA PRO A 211 23.38 16.02 -21.20
C PRO A 211 23.90 17.21 -20.39
N GLU A 212 23.01 18.17 -20.08
CA GLU A 212 23.33 19.37 -19.30
C GLU A 212 23.76 19.07 -17.87
N ASN A 213 23.60 17.81 -17.41
CA ASN A 213 23.94 17.41 -16.05
C ASN A 213 25.35 16.81 -15.96
N TYR A 214 25.99 16.55 -17.12
CA TYR A 214 27.35 15.99 -17.19
C TYR A 214 28.39 16.85 -16.42
N GLU A 215 28.14 18.20 -16.32
CA GLU A 215 28.92 19.19 -15.57
C GLU A 215 28.72 18.96 -14.06
N ALA A 222 20.52 21.69 -10.03
CA ALA A 222 19.21 21.21 -9.61
C ALA A 222 18.02 21.81 -10.42
N SER A 223 17.88 21.36 -11.70
CA SER A 223 16.79 21.79 -12.57
C SER A 223 15.61 20.83 -12.43
N ILE A 224 14.40 21.37 -12.49
CA ILE A 224 13.18 20.58 -12.40
C ILE A 224 12.97 19.73 -13.68
N LYS A 225 13.80 19.94 -14.73
CA LYS A 225 13.64 19.25 -16.02
C LYS A 225 14.56 18.03 -16.23
N HIS A 226 15.26 17.58 -15.16
CA HIS A 226 16.17 16.43 -15.23
C HIS A 226 15.36 15.15 -15.27
N ASP A 227 14.47 14.96 -14.27
CA ASP A 227 13.69 13.73 -14.09
C ASP A 227 12.86 13.29 -15.31
N ILE A 228 12.29 14.26 -16.04
CA ILE A 228 11.49 13.97 -17.23
C ILE A 228 12.38 13.39 -18.33
N TYR A 229 13.69 13.80 -18.38
CA TYR A 229 14.69 13.26 -19.31
C TYR A 229 14.81 11.76 -19.02
N SER A 230 15.10 11.43 -17.71
CA SER A 230 15.25 10.06 -17.24
C SER A 230 14.00 9.29 -17.58
N TYR A 231 12.81 9.88 -17.26
CA TYR A 231 11.51 9.27 -17.52
C TYR A 231 11.33 8.94 -19.01
N ALA A 232 11.78 9.85 -19.91
CA ALA A 232 11.67 9.63 -21.36
C ALA A 232 12.47 8.39 -21.81
N VAL A 233 13.67 8.18 -21.24
CA VAL A 233 14.55 7.02 -21.55
C VAL A 233 13.88 5.77 -21.02
N ILE A 234 13.40 5.78 -19.76
CA ILE A 234 12.69 4.66 -19.14
C ILE A 234 11.48 4.26 -20.00
N THR A 235 10.70 5.27 -20.51
CA THR A 235 9.56 4.99 -21.38
C THR A 235 10.04 4.27 -22.64
N TRP A 236 11.13 4.76 -23.27
CA TRP A 236 11.68 4.15 -24.47
C TRP A 236 11.96 2.67 -24.17
N GLU A 237 12.70 2.42 -23.09
CA GLU A 237 13.11 1.11 -22.57
C GLU A 237 11.95 0.18 -22.19
N VAL A 238 10.86 0.70 -21.58
CA VAL A 238 9.68 -0.12 -21.23
C VAL A 238 8.96 -0.60 -22.51
N LEU A 239 8.85 0.28 -23.52
CA LEU A 239 8.11 -0.01 -24.75
C LEU A 239 8.86 -0.86 -25.75
N SER A 240 10.21 -0.80 -25.70
CA SER A 240 11.12 -1.56 -26.55
C SER A 240 11.62 -2.81 -25.93
N ARG A 241 11.80 -2.83 -24.58
CA ARG A 241 12.43 -3.91 -23.78
C ARG A 241 13.85 -4.13 -24.32
N LYS A 242 14.49 -3.04 -24.78
CA LYS A 242 15.83 -3.08 -25.37
C LYS A 242 16.75 -2.19 -24.59
N GLN A 243 18.05 -2.54 -24.56
CA GLN A 243 19.03 -1.74 -23.83
C GLN A 243 19.34 -0.47 -24.63
N PRO A 244 19.11 0.73 -24.03
CA PRO A 244 19.43 1.98 -24.76
C PRO A 244 20.90 2.03 -25.12
N PHE A 245 21.22 2.29 -26.42
CA PHE A 245 22.59 2.36 -26.96
C PHE A 245 23.25 0.97 -26.85
N GLU A 246 22.65 -0.02 -27.54
CA GLU A 246 23.07 -1.43 -27.59
C GLU A 246 24.53 -1.64 -28.09
N ASP A 247 24.88 -0.96 -29.20
CA ASP A 247 26.18 -1.06 -29.87
C ASP A 247 27.38 -0.49 -29.12
N VAL A 248 27.14 0.45 -28.19
CA VAL A 248 28.18 1.19 -27.47
C VAL A 248 29.01 0.32 -26.49
N THR A 249 30.37 0.39 -26.65
CA THR A 249 31.33 -0.32 -25.79
C THR A 249 31.72 0.47 -24.52
N ASN A 250 31.85 1.79 -24.62
CA ASN A 250 32.26 2.62 -23.49
C ASN A 250 31.14 3.59 -23.05
N PRO A 251 30.85 3.72 -21.75
CA PRO A 251 29.84 4.72 -21.33
C PRO A 251 30.13 6.13 -21.84
N LEU A 252 31.41 6.43 -22.14
CA LEU A 252 31.85 7.71 -22.70
C LEU A 252 31.32 7.90 -24.11
N GLN A 253 31.22 6.80 -24.88
CA GLN A 253 30.64 6.84 -26.21
C GLN A 253 29.16 7.24 -26.14
N ILE A 254 28.41 6.84 -25.07
CA ILE A 254 27.01 7.21 -24.84
C ILE A 254 26.96 8.71 -24.53
N MET A 255 27.75 9.13 -23.53
CA MET A 255 27.87 10.50 -23.06
C MET A 255 28.17 11.45 -24.20
N TYR A 256 29.11 11.06 -25.09
CA TYR A 256 29.48 11.82 -26.27
C TYR A 256 28.26 11.91 -27.19
N SER A 257 27.71 10.77 -27.61
CA SER A 257 26.53 10.68 -28.49
C SER A 257 25.34 11.56 -28.01
N VAL A 258 25.00 11.48 -26.70
CA VAL A 258 23.91 12.21 -26.05
C VAL A 258 24.16 13.74 -26.07
N SER A 259 25.38 14.18 -25.71
CA SER A 259 25.77 15.58 -25.71
C SER A 259 25.70 16.18 -27.12
N GLN A 260 25.83 15.31 -28.16
CA GLN A 260 25.74 15.62 -29.59
C GLN A 260 24.30 15.50 -30.10
N GLY A 261 23.34 15.49 -29.17
CA GLY A 261 21.90 15.41 -29.42
C GLY A 261 21.36 14.08 -29.88
N HIS A 262 22.16 13.00 -29.79
CA HIS A 262 21.69 11.69 -30.21
C HIS A 262 21.02 10.95 -29.04
N ARG A 263 20.06 10.10 -29.39
CA ARG A 263 19.22 9.41 -28.44
C ARG A 263 18.97 7.94 -28.83
N PRO A 264 18.44 7.07 -27.90
CA PRO A 264 18.11 5.69 -28.28
C PRO A 264 17.22 5.66 -29.50
N VAL A 265 17.50 4.71 -30.35
CA VAL A 265 16.91 4.58 -31.67
C VAL A 265 15.41 4.39 -31.64
N ILE A 266 14.71 5.26 -32.38
CA ILE A 266 13.27 5.17 -32.56
C ILE A 266 13.14 4.75 -34.02
N ASN A 267 12.85 3.47 -34.24
CA ASN A 267 12.65 2.92 -35.57
C ASN A 267 11.63 1.77 -35.44
N GLU A 268 11.38 1.00 -36.52
CA GLU A 268 10.43 -0.13 -36.49
C GLU A 268 10.98 -1.31 -35.67
N GLU A 269 12.30 -1.45 -35.63
CA GLU A 269 12.96 -2.57 -34.95
C GLU A 269 12.88 -2.39 -33.43
N SER A 270 13.20 -1.17 -32.93
CA SER A 270 13.18 -0.81 -31.52
C SER A 270 11.75 -0.65 -31.01
N LEU A 271 10.90 -0.03 -31.84
CA LEU A 271 9.51 0.24 -31.52
C LEU A 271 8.55 -0.29 -32.60
N PRO A 272 8.20 -1.60 -32.60
CA PRO A 272 7.26 -2.14 -33.60
C PRO A 272 6.03 -1.28 -33.86
N TYR A 273 5.59 -1.18 -35.10
CA TYR A 273 4.44 -0.35 -35.47
C TYR A 273 3.12 -0.74 -34.77
N ASP A 274 3.04 -1.94 -34.16
CA ASP A 274 1.84 -2.45 -33.46
C ASP A 274 1.81 -2.14 -31.94
N ILE A 275 2.76 -1.34 -31.46
CA ILE A 275 2.77 -0.92 -30.05
C ILE A 275 1.51 -0.05 -29.84
N PRO A 276 0.65 -0.33 -28.84
CA PRO A 276 -0.49 0.54 -28.61
C PRO A 276 -0.02 1.97 -28.31
N HIS A 277 -0.72 2.98 -28.89
CA HIS A 277 -0.51 4.41 -28.65
C HIS A 277 0.88 4.89 -29.05
N ARG A 278 1.51 4.18 -30.02
CA ARG A 278 2.85 4.44 -30.53
C ARG A 278 3.11 5.90 -30.83
N ALA A 279 2.24 6.54 -31.65
CA ALA A 279 2.44 7.94 -32.04
C ALA A 279 2.52 8.87 -30.84
N ARG A 280 1.58 8.74 -29.91
CA ARG A 280 1.51 9.51 -28.68
C ARG A 280 2.75 9.29 -27.82
N MET A 281 3.11 8.01 -27.59
CA MET A 281 4.24 7.62 -26.72
C MET A 281 5.58 8.15 -27.25
N ILE A 282 5.78 8.03 -28.58
CA ILE A 282 7.00 8.53 -29.25
C ILE A 282 7.10 10.03 -29.03
N SER A 283 5.96 10.73 -29.14
CA SER A 283 5.89 12.17 -28.98
C SER A 283 6.26 12.62 -27.56
N LEU A 284 5.76 11.88 -26.53
CA LEU A 284 6.06 12.09 -25.12
C LEU A 284 7.58 11.82 -24.86
N ILE A 285 8.11 10.69 -25.39
CA ILE A 285 9.53 10.30 -25.29
C ILE A 285 10.41 11.42 -25.88
N GLU A 286 10.13 11.79 -27.15
CA GLU A 286 10.89 12.80 -27.90
C GLU A 286 10.83 14.15 -27.25
N SER A 287 9.70 14.54 -26.65
CA SER A 287 9.64 15.82 -25.91
C SER A 287 10.37 15.72 -24.57
N GLY A 288 10.21 14.59 -23.88
CA GLY A 288 10.84 14.32 -22.59
C GLY A 288 12.35 14.39 -22.64
N TRP A 289 12.98 13.77 -23.69
CA TRP A 289 14.43 13.75 -23.81
C TRP A 289 15.01 14.88 -24.73
N ALA A 290 14.29 16.00 -24.93
CA ALA A 290 14.77 17.14 -25.73
C ALA A 290 16.08 17.68 -25.19
N GLN A 291 17.02 18.04 -26.11
CA GLN A 291 18.34 18.63 -25.79
C GLN A 291 18.13 19.91 -24.98
N ASN A 292 17.08 20.69 -25.32
CA ASN A 292 16.68 21.90 -24.60
C ASN A 292 15.80 21.54 -23.36
N PRO A 293 16.33 21.70 -22.14
CA PRO A 293 15.55 21.39 -20.95
C PRO A 293 14.17 22.05 -20.91
N ASP A 294 14.07 23.28 -21.41
CA ASP A 294 12.83 24.05 -21.44
C ASP A 294 11.79 23.51 -22.42
N GLU A 295 12.19 22.71 -23.42
CA GLU A 295 11.26 22.12 -24.40
C GLU A 295 10.60 20.82 -23.85
N ARG A 296 11.02 20.41 -22.63
CA ARG A 296 10.58 19.18 -21.98
C ARG A 296 9.32 19.43 -21.17
N PRO A 297 8.34 18.50 -21.19
CA PRO A 297 7.13 18.72 -20.39
C PRO A 297 7.31 18.61 -18.87
N SER A 298 6.37 19.20 -18.11
CA SER A 298 6.24 19.04 -16.66
C SER A 298 5.65 17.62 -16.49
N PHE A 299 5.73 17.04 -15.28
CA PHE A 299 5.11 15.73 -15.01
C PHE A 299 3.60 15.81 -15.04
N LEU A 300 3.01 17.01 -14.80
CA LEU A 300 1.57 17.27 -14.91
C LEU A 300 1.12 17.03 -16.35
N LYS A 301 1.83 17.63 -17.33
CA LYS A 301 1.55 17.49 -18.75
C LYS A 301 1.73 16.05 -19.16
N CYS A 302 2.80 15.47 -18.70
CA CYS A 302 3.13 14.08 -18.97
C CYS A 302 1.98 13.17 -18.48
N LEU A 303 1.37 13.48 -17.33
CA LEU A 303 0.26 12.73 -16.77
C LEU A 303 -1.04 13.00 -17.49
N ILE A 304 -1.24 14.22 -17.99
CA ILE A 304 -2.44 14.56 -18.73
C ILE A 304 -2.47 13.79 -20.08
N GLU A 305 -1.30 13.48 -20.62
CA GLU A 305 -1.14 12.72 -21.84
C GLU A 305 -1.45 11.23 -21.63
N LEU A 306 -0.91 10.67 -20.54
CA LEU A 306 -1.06 9.28 -20.14
C LEU A 306 -2.49 8.94 -19.67
N GLU A 307 -3.22 9.87 -19.03
CA GLU A 307 -4.55 9.57 -18.49
C GLU A 307 -5.53 8.96 -19.54
N PRO A 308 -5.75 9.56 -20.75
CA PRO A 308 -6.64 8.92 -21.72
C PRO A 308 -6.22 7.50 -22.14
N VAL A 309 -4.91 7.21 -22.17
CA VAL A 309 -4.34 5.89 -22.49
C VAL A 309 -4.76 4.88 -21.42
N LEU A 310 -4.54 5.22 -20.14
CA LEU A 310 -4.86 4.29 -19.06
C LEU A 310 -6.35 3.96 -18.93
N ARG A 311 -7.25 4.89 -19.31
CA ARG A 311 -8.70 4.67 -19.27
C ARG A 311 -9.14 3.57 -20.23
N THR A 312 -8.35 3.28 -21.26
CA THR A 312 -8.66 2.23 -22.25
C THR A 312 -8.45 0.78 -21.70
N PHE A 313 -7.88 0.61 -20.48
CA PHE A 313 -7.60 -0.68 -19.86
C PHE A 313 -8.46 -0.98 -18.64
N GLU A 314 -9.21 -2.09 -18.68
CA GLU A 314 -10.04 -2.54 -17.57
C GLU A 314 -9.18 -3.19 -16.49
N GLU A 315 -9.56 -3.08 -15.21
CA GLU A 315 -8.75 -3.60 -14.09
C GLU A 315 -8.28 -5.04 -14.22
N ILE A 316 -9.13 -5.89 -14.84
CA ILE A 316 -8.91 -7.32 -15.08
C ILE A 316 -7.70 -7.54 -16.00
N THR A 317 -7.53 -6.68 -17.02
CA THR A 317 -6.40 -6.76 -17.94
C THR A 317 -5.09 -6.63 -17.18
N PHE A 318 -5.09 -5.85 -16.07
CA PHE A 318 -3.87 -5.68 -15.27
C PHE A 318 -3.62 -6.96 -14.48
N LEU A 319 -4.69 -7.53 -13.88
CA LEU A 319 -4.66 -8.76 -13.10
C LEU A 319 -4.20 -9.93 -13.96
N GLU A 320 -4.61 -9.97 -15.23
CA GLU A 320 -4.23 -11.08 -16.07
C GLU A 320 -2.88 -10.90 -16.74
N ALA A 321 -2.34 -9.67 -16.77
CA ALA A 321 -0.98 -9.40 -17.22
C ALA A 321 -0.04 -9.91 -16.13
N VAL A 322 -0.40 -9.74 -14.84
CA VAL A 322 0.37 -10.20 -13.68
C VAL A 322 0.35 -11.72 -13.51
N ILE A 323 -0.84 -12.36 -13.70
CA ILE A 323 -0.95 -13.80 -13.58
C ILE A 323 -0.08 -14.48 -14.64
N GLN A 324 0.05 -13.86 -15.83
CA GLN A 324 0.86 -14.33 -16.93
C GLN A 324 2.34 -14.33 -16.54
N LEU A 325 2.76 -13.43 -15.64
CA LEU A 325 4.16 -13.33 -15.16
C LEU A 325 4.45 -14.44 -14.15
N LYS A 326 3.39 -14.95 -13.51
CA LYS A 326 3.49 -16.04 -12.54
C LYS A 326 3.60 -17.31 -13.35
N ILE B 22 12.71 11.98 14.00
CA ILE B 22 12.33 12.29 12.62
C ILE B 22 10.81 12.49 12.53
N CYS B 23 10.37 13.74 12.26
CA CYS B 23 8.95 14.09 12.17
C CYS B 23 8.48 14.39 10.73
N SER B 24 7.30 13.84 10.36
CA SER B 24 6.66 14.06 9.06
C SER B 24 5.31 14.72 9.32
N ALA B 25 5.11 15.89 8.75
CA ALA B 25 3.85 16.61 8.92
C ALA B 25 2.88 16.15 7.86
N LEU B 26 1.61 16.05 8.24
CA LEU B 26 0.58 15.63 7.33
C LEU B 26 0.29 16.78 6.39
N PRO B 27 0.25 16.57 5.05
CA PRO B 27 -0.07 17.68 4.14
C PRO B 27 -1.45 18.25 4.40
N THR B 28 -1.62 19.54 4.08
CA THR B 28 -2.90 20.24 4.19
C THR B 28 -3.36 20.41 2.74
N ILE B 29 -4.57 19.93 2.44
CA ILE B 29 -5.10 19.92 1.09
C ILE B 29 -6.18 20.99 0.91
N PRO B 30 -5.99 21.98 0.02
CA PRO B 30 -7.07 22.96 -0.20
C PRO B 30 -8.24 22.22 -0.82
N TYR B 31 -9.46 22.47 -0.31
CA TYR B 31 -10.70 21.84 -0.77
C TYR B 31 -10.83 21.98 -2.27
N HIS B 32 -10.47 23.17 -2.79
CA HIS B 32 -10.52 23.48 -4.21
C HIS B 32 -9.54 22.58 -5.07
N LYS B 33 -8.62 21.81 -4.42
CA LYS B 33 -7.73 20.86 -5.14
C LYS B 33 -8.43 19.51 -5.43
N LEU B 34 -9.54 19.22 -4.73
CA LEU B 34 -10.32 18.01 -4.93
C LEU B 34 -11.34 18.27 -6.02
N ALA B 35 -11.28 17.49 -7.08
CA ALA B 35 -12.23 17.66 -8.16
C ALA B 35 -13.07 16.40 -8.19
N ASP B 36 -14.16 16.42 -8.95
CA ASP B 36 -15.05 15.29 -9.21
C ASP B 36 -15.60 14.65 -7.94
N LEU B 37 -15.89 15.48 -6.93
CA LEU B 37 -16.39 15.04 -5.64
C LEU B 37 -17.75 14.38 -5.79
N ARG B 38 -17.86 13.11 -5.33
CA ARG B 38 -19.09 12.32 -5.42
C ARG B 38 -19.29 11.55 -4.13
N TYR B 39 -20.53 11.55 -3.62
CA TYR B 39 -20.98 10.78 -2.45
C TYR B 39 -20.76 9.29 -2.69
N LEU B 40 -20.34 8.58 -1.64
CA LEU B 40 -20.19 7.13 -1.66
C LEU B 40 -21.11 6.54 -0.61
N SER B 41 -20.94 6.99 0.63
CA SER B 41 -21.70 6.51 1.77
C SER B 41 -21.52 7.42 2.97
N ARG B 42 -22.12 6.98 4.07
CA ARG B 42 -21.94 7.52 5.41
C ARG B 42 -20.77 6.65 5.93
N GLY B 43 -19.88 7.25 6.72
CA GLY B 43 -18.75 6.55 7.33
C GLY B 43 -19.09 6.19 8.75
N ALA B 44 -18.10 6.32 9.66
CA ALA B 44 -18.29 6.11 11.09
C ALA B 44 -19.12 7.33 11.51
N SER B 45 -18.50 8.50 11.46
CA SER B 45 -19.24 9.71 11.73
C SER B 45 -18.96 10.61 10.56
N GLY B 46 -19.94 10.73 9.67
CA GLY B 46 -19.81 11.62 8.52
C GLY B 46 -20.08 11.00 7.17
N THR B 47 -19.79 11.77 6.14
CA THR B 47 -19.94 11.37 4.76
C THR B 47 -18.59 11.02 4.19
N VAL B 48 -18.57 10.02 3.33
CA VAL B 48 -17.40 9.52 2.63
C VAL B 48 -17.69 9.81 1.17
N SER B 49 -16.81 10.56 0.55
CA SER B 49 -16.96 10.90 -0.84
C SER B 49 -15.71 10.46 -1.58
N SER B 50 -15.82 10.17 -2.88
CA SER B 50 -14.66 9.90 -3.72
C SER B 50 -14.40 11.22 -4.46
N ALA B 51 -13.15 11.48 -4.83
CA ALA B 51 -12.74 12.69 -5.56
C ALA B 51 -11.41 12.41 -6.20
N ARG B 52 -10.89 13.36 -6.96
CA ARG B 52 -9.57 13.25 -7.56
C ARG B 52 -8.68 14.45 -7.15
N HIS B 53 -7.39 14.22 -6.86
CA HIS B 53 -6.50 15.35 -6.55
C HIS B 53 -6.11 16.03 -7.88
N ALA B 54 -6.44 17.31 -8.03
CA ALA B 54 -6.15 18.06 -9.27
C ALA B 54 -4.69 18.20 -9.58
N ASP B 55 -3.80 18.13 -8.58
CA ASP B 55 -2.35 18.22 -8.79
C ASP B 55 -1.65 16.87 -8.74
N TRP B 56 -2.11 15.94 -7.88
CA TRP B 56 -1.45 14.65 -7.70
C TRP B 56 -1.88 13.65 -8.71
N ARG B 57 -3.05 13.86 -9.33
CA ARG B 57 -3.57 13.04 -10.41
C ARG B 57 -3.90 11.62 -9.97
N VAL B 58 -4.38 11.51 -8.74
CA VAL B 58 -4.84 10.24 -8.15
C VAL B 58 -6.31 10.40 -7.66
N GLN B 59 -7.06 9.29 -7.65
CA GLN B 59 -8.38 9.22 -7.05
C GLN B 59 -8.15 9.15 -5.52
N VAL B 60 -9.01 9.81 -4.74
CA VAL B 60 -8.90 9.83 -3.28
C VAL B 60 -10.29 9.63 -2.70
N ALA B 61 -10.36 9.34 -1.38
CA ALA B 61 -11.58 9.28 -0.55
C ALA B 61 -11.52 10.48 0.41
N VAL B 62 -12.65 11.11 0.67
CA VAL B 62 -12.75 12.27 1.58
C VAL B 62 -13.83 11.97 2.61
N LYS B 63 -13.47 11.97 3.91
CA LYS B 63 -14.45 11.82 4.99
C LYS B 63 -14.65 13.22 5.56
N HIS B 64 -15.85 13.78 5.39
CA HIS B 64 -16.20 15.13 5.82
C HIS B 64 -17.53 15.17 6.61
N LEU B 65 -17.68 16.21 7.46
CA LEU B 65 -18.91 16.40 8.24
C LEU B 65 -19.96 17.28 7.54
N LEU B 72 -19.39 23.20 14.28
CA LEU B 72 -18.99 23.23 15.67
C LEU B 72 -17.47 23.05 15.82
N ASP B 73 -16.81 23.98 16.55
CA ASP B 73 -15.35 23.96 16.80
C ASP B 73 -14.91 22.87 17.81
N SER B 74 -15.88 22.10 18.36
CA SER B 74 -15.64 20.98 19.26
C SER B 74 -15.43 19.76 18.35
N GLU B 75 -16.36 19.58 17.38
CA GLU B 75 -16.33 18.50 16.37
C GLU B 75 -15.18 18.72 15.35
N ARG B 76 -14.51 19.89 15.42
CA ARG B 76 -13.37 20.23 14.57
C ARG B 76 -12.16 19.40 15.02
N LYS B 77 -11.92 19.34 16.36
CA LYS B 77 -10.84 18.56 16.97
C LYS B 77 -11.13 17.05 16.89
N ASP B 78 -12.39 16.69 16.63
CA ASP B 78 -12.83 15.31 16.45
C ASP B 78 -12.30 14.73 15.13
N VAL B 79 -12.49 15.49 14.02
CA VAL B 79 -11.98 15.16 12.68
C VAL B 79 -10.44 15.17 12.73
N LEU B 80 -9.86 16.18 13.41
CA LEU B 80 -8.42 16.30 13.54
C LEU B 80 -7.79 15.17 14.37
N ARG B 81 -8.60 14.54 15.26
CA ARG B 81 -8.14 13.43 16.07
C ARG B 81 -8.02 12.16 15.21
N GLU B 82 -9.05 11.83 14.36
CA GLU B 82 -8.99 10.67 13.48
C GLU B 82 -7.75 10.75 12.54
N ALA B 83 -7.59 11.91 11.90
CA ALA B 83 -6.46 12.27 11.04
C ALA B 83 -5.11 12.04 11.75
N GLU B 84 -4.99 12.44 13.02
CA GLU B 84 -3.78 12.26 13.84
C GLU B 84 -3.49 10.76 14.05
N ILE B 85 -4.58 9.98 14.35
CA ILE B 85 -4.52 8.53 14.60
C ILE B 85 -4.07 7.82 13.33
N LEU B 86 -4.76 8.06 12.18
CA LEU B 86 -4.41 7.45 10.88
C LEU B 86 -2.99 7.78 10.50
N HIS B 87 -2.55 9.03 10.73
CA HIS B 87 -1.20 9.47 10.42
C HIS B 87 -0.16 8.78 11.28
N LYS B 88 -0.43 8.61 12.59
CA LYS B 88 0.53 7.96 13.49
C LYS B 88 0.48 6.44 13.35
N ALA B 89 -0.68 5.88 13.04
CA ALA B 89 -0.88 4.45 12.92
C ALA B 89 -0.53 3.83 11.56
N ARG B 90 0.13 4.59 10.65
CA ARG B 90 0.57 4.21 9.29
C ARG B 90 1.28 2.89 9.25
N PHE B 91 0.78 1.97 8.44
CA PHE B 91 1.32 0.63 8.26
C PHE B 91 0.56 -0.01 7.12
N SER B 92 1.17 -1.04 6.48
CA SER B 92 0.68 -1.84 5.34
C SER B 92 -0.80 -2.28 5.39
N TYR B 93 -1.44 -2.43 6.58
CA TYR B 93 -2.83 -2.89 6.64
C TYR B 93 -3.75 -1.88 7.32
N ILE B 94 -3.29 -0.63 7.37
CA ILE B 94 -4.04 0.50 7.94
C ILE B 94 -4.30 1.49 6.82
N LEU B 95 -5.57 1.92 6.66
CA LEU B 95 -5.98 2.90 5.61
C LEU B 95 -4.98 4.07 5.51
N PRO B 96 -4.28 4.24 4.36
CA PRO B 96 -3.30 5.33 4.25
C PRO B 96 -3.97 6.71 4.07
N ILE B 97 -3.63 7.63 4.98
CA ILE B 97 -4.11 9.01 4.98
C ILE B 97 -3.14 9.84 4.10
N LEU B 98 -3.71 10.66 3.21
CA LEU B 98 -2.95 11.46 2.27
C LEU B 98 -2.77 12.90 2.71
N GLY B 99 -3.75 13.40 3.45
CA GLY B 99 -3.75 14.76 3.96
C GLY B 99 -5.06 15.15 4.62
N ILE B 100 -5.12 16.42 5.10
CA ILE B 100 -6.28 17.00 5.79
C ILE B 100 -6.76 18.28 5.10
N CYS B 101 -8.08 18.46 4.99
CA CYS B 101 -8.74 19.66 4.49
C CYS B 101 -9.12 20.38 5.77
N ASN B 102 -8.59 21.58 6.00
CA ASN B 102 -8.86 22.31 7.23
C ASN B 102 -9.06 23.77 6.92
N GLU B 103 -10.29 24.09 6.55
CA GLU B 103 -10.68 25.38 6.05
C GLU B 103 -11.91 25.94 6.69
N PRO B 104 -12.02 27.30 6.76
CA PRO B 104 -13.26 27.92 7.29
C PRO B 104 -14.56 27.31 6.75
N GLU B 105 -14.58 26.94 5.46
CA GLU B 105 -15.74 26.40 4.75
C GLU B 105 -15.87 24.86 4.73
N PHE B 106 -14.74 24.12 4.89
CA PHE B 106 -14.74 22.65 4.80
C PHE B 106 -13.71 21.98 5.70
N LEU B 107 -14.13 20.89 6.36
CA LEU B 107 -13.29 20.03 7.18
C LEU B 107 -13.48 18.57 6.74
N GLY B 108 -12.38 17.92 6.37
CA GLY B 108 -12.37 16.54 5.90
C GLY B 108 -11.01 15.84 5.95
N ILE B 109 -11.03 14.51 5.98
CA ILE B 109 -9.83 13.68 5.97
C ILE B 109 -9.73 13.08 4.57
N VAL B 110 -8.53 13.18 3.97
CA VAL B 110 -8.27 12.67 2.63
C VAL B 110 -7.38 11.43 2.71
N THR B 111 -7.89 10.30 2.19
CA THR B 111 -7.11 9.04 2.19
C THR B 111 -6.97 8.48 0.78
N GLU B 112 -6.24 7.35 0.63
CA GLU B 112 -6.21 6.58 -0.63
C GLU B 112 -7.61 6.01 -0.86
N TYR B 113 -7.99 5.89 -2.13
CA TYR B 113 -9.31 5.37 -2.49
C TYR B 113 -9.28 3.84 -2.52
N MET B 114 -10.25 3.23 -1.82
CA MET B 114 -10.48 1.80 -1.66
C MET B 114 -11.59 1.42 -2.61
N PRO B 115 -11.25 0.80 -3.75
CA PRO B 115 -12.29 0.50 -4.76
C PRO B 115 -13.22 -0.65 -4.43
N ASN B 116 -12.80 -1.60 -3.59
CA ASN B 116 -13.63 -2.79 -3.44
C ASN B 116 -14.39 -2.94 -2.10
N GLY B 117 -15.00 -1.83 -1.66
CA GLY B 117 -15.86 -1.78 -0.50
C GLY B 117 -15.29 -2.32 0.80
N SER B 118 -16.13 -3.06 1.52
CA SER B 118 -15.73 -3.65 2.81
C SER B 118 -15.92 -5.16 2.82
N LEU B 119 -15.36 -5.81 3.85
CA LEU B 119 -15.45 -7.23 4.08
C LEU B 119 -16.92 -7.69 4.12
N ASN B 120 -17.76 -6.95 4.83
CA ASN B 120 -19.19 -7.22 4.95
C ASN B 120 -19.87 -7.39 3.60
N GLU B 121 -19.57 -6.53 2.62
CA GLU B 121 -20.21 -6.60 1.30
C GLU B 121 -19.66 -7.72 0.44
N LEU B 122 -18.41 -8.14 0.68
CA LEU B 122 -17.82 -9.25 -0.04
C LEU B 122 -18.45 -10.52 0.52
N LEU B 123 -18.69 -10.53 1.84
CA LEU B 123 -19.24 -11.69 2.52
C LEU B 123 -20.71 -11.93 2.29
N HIS B 124 -21.51 -10.88 2.15
CA HIS B 124 -22.95 -11.02 2.10
C HIS B 124 -23.58 -10.64 0.79
N ARG B 125 -22.81 -10.05 -0.16
CA ARG B 125 -23.36 -9.79 -1.49
C ARG B 125 -23.04 -11.03 -2.33
N LYS B 126 -23.86 -12.09 -2.11
CA LYS B 126 -23.71 -13.41 -2.70
C LYS B 126 -24.06 -13.47 -4.18
N THR B 127 -24.88 -12.55 -4.71
CA THR B 127 -25.16 -12.59 -6.16
C THR B 127 -23.95 -12.02 -6.90
N GLU B 128 -23.44 -10.85 -6.43
CA GLU B 128 -22.26 -10.15 -6.94
C GLU B 128 -21.01 -11.01 -6.77
N TYR B 129 -20.94 -11.81 -5.66
CA TYR B 129 -19.81 -12.67 -5.36
C TYR B 129 -20.25 -14.11 -4.99
N PRO B 130 -20.60 -14.97 -5.98
CA PRO B 130 -21.00 -16.35 -5.66
C PRO B 130 -19.93 -17.19 -4.96
N ASP B 131 -18.62 -16.93 -5.27
CA ASP B 131 -17.50 -17.66 -4.67
C ASP B 131 -16.49 -16.69 -4.08
N VAL B 132 -15.98 -17.02 -2.89
CA VAL B 132 -14.92 -16.26 -2.25
C VAL B 132 -13.94 -17.32 -1.79
N ALA B 133 -12.94 -17.58 -2.61
CA ALA B 133 -11.96 -18.63 -2.42
C ALA B 133 -11.26 -18.59 -1.05
N TRP B 134 -10.98 -19.78 -0.48
CA TRP B 134 -10.28 -19.94 0.80
C TRP B 134 -8.95 -19.17 0.87
N PRO B 135 -8.08 -19.17 -0.20
CA PRO B 135 -6.82 -18.41 -0.10
C PRO B 135 -7.08 -16.94 0.25
N LEU B 136 -8.01 -16.28 -0.48
CA LEU B 136 -8.36 -14.89 -0.21
C LEU B 136 -8.95 -14.68 1.19
N ARG B 137 -9.93 -15.54 1.61
CA ARG B 137 -10.54 -15.49 2.93
C ARG B 137 -9.50 -15.52 4.03
N PHE B 138 -8.54 -16.44 3.94
CA PHE B 138 -7.50 -16.56 4.95
C PHE B 138 -6.54 -15.41 4.84
N ARG B 139 -6.31 -14.90 3.61
CA ARG B 139 -5.40 -13.78 3.45
C ARG B 139 -6.01 -12.56 4.17
N ILE B 140 -7.34 -12.36 3.99
CA ILE B 140 -8.10 -11.30 4.63
C ILE B 140 -7.95 -11.40 6.15
N LEU B 141 -8.16 -12.62 6.71
CA LEU B 141 -8.03 -12.87 8.15
C LEU B 141 -6.63 -12.57 8.65
N HIS B 142 -5.63 -13.03 7.91
CA HIS B 142 -4.23 -12.79 8.26
C HIS B 142 -3.89 -11.28 8.30
N GLU B 143 -4.42 -10.51 7.32
CA GLU B 143 -4.19 -9.07 7.21
C GLU B 143 -4.92 -8.24 8.29
N ILE B 144 -6.16 -8.65 8.67
CA ILE B 144 -6.89 -8.04 9.79
C ILE B 144 -6.03 -8.21 11.09
N ALA B 145 -5.51 -9.44 11.35
CA ALA B 145 -4.65 -9.70 12.52
C ALA B 145 -3.36 -8.89 12.48
N LEU B 146 -2.70 -8.82 11.30
CA LEU B 146 -1.48 -8.02 11.11
C LEU B 146 -1.75 -6.52 11.36
N GLY B 147 -2.95 -6.07 10.99
CA GLY B 147 -3.38 -4.69 11.17
C GLY B 147 -3.62 -4.33 12.62
N VAL B 148 -4.56 -5.05 13.27
CA VAL B 148 -4.90 -4.85 14.68
C VAL B 148 -3.70 -5.06 15.58
N ASN B 149 -2.88 -6.07 15.28
CA ASN B 149 -1.65 -6.30 16.05
C ASN B 149 -0.74 -5.10 16.00
N TYR B 150 -0.58 -4.44 14.83
CA TYR B 150 0.29 -3.26 14.73
C TYR B 150 -0.17 -2.15 15.67
N LEU B 151 -1.50 -1.95 15.77
CA LEU B 151 -2.08 -0.96 16.69
C LEU B 151 -1.71 -1.28 18.14
N HIS B 152 -1.87 -2.55 18.55
CA HIS B 152 -1.52 -3.02 19.89
C HIS B 152 -0.02 -2.88 20.19
N ASN B 153 0.86 -3.03 19.19
CA ASN B 153 2.31 -2.94 19.38
C ASN B 153 2.90 -1.53 19.32
N MET B 154 2.04 -0.51 19.11
CA MET B 154 2.43 0.90 19.06
C MET B 154 2.74 1.35 20.48
N THR B 155 3.40 2.49 20.62
CA THR B 155 3.73 3.01 21.94
C THR B 155 3.20 4.44 22.05
N PRO B 156 2.10 4.65 22.80
CA PRO B 156 1.36 3.67 23.62
C PRO B 156 0.45 2.76 22.80
N PRO B 157 0.11 1.54 23.29
CA PRO B 157 -0.79 0.67 22.53
C PRO B 157 -2.06 1.37 22.08
N LEU B 158 -2.42 1.20 20.81
CA LEU B 158 -3.62 1.78 20.21
C LEU B 158 -4.69 0.71 20.17
N LEU B 159 -5.88 1.01 20.68
CA LEU B 159 -6.95 0.02 20.71
C LEU B 159 -8.01 0.36 19.69
N HIS B 160 -8.49 -0.65 18.96
CA HIS B 160 -9.50 -0.41 17.94
C HIS B 160 -10.86 -0.09 18.57
N HIS B 161 -11.46 -1.10 19.24
CA HIS B 161 -12.70 -1.13 20.00
C HIS B 161 -13.95 -1.05 19.17
N ASP B 162 -13.83 -0.99 17.84
CA ASP B 162 -15.01 -1.06 16.96
C ASP B 162 -14.68 -1.82 15.69
N LEU B 163 -13.92 -2.93 15.85
CA LEU B 163 -13.57 -3.78 14.73
C LEU B 163 -14.80 -4.53 14.29
N LYS B 164 -15.27 -4.26 13.08
CA LYS B 164 -16.45 -4.87 12.48
C LYS B 164 -16.21 -5.12 10.99
N THR B 165 -16.97 -6.01 10.34
CA THR B 165 -16.79 -6.30 8.91
C THR B 165 -17.04 -5.05 8.03
N GLN B 166 -17.91 -4.13 8.49
CA GLN B 166 -18.26 -2.89 7.77
C GLN B 166 -17.11 -1.90 7.68
N ASN B 167 -16.11 -1.95 8.61
CA ASN B 167 -14.99 -1.03 8.50
C ASN B 167 -13.62 -1.70 8.12
N ILE B 168 -13.67 -2.96 7.63
CA ILE B 168 -12.50 -3.67 7.11
C ILE B 168 -12.61 -3.43 5.61
N LEU B 169 -11.79 -2.49 5.12
CA LEU B 169 -11.88 -2.06 3.72
C LEU B 169 -11.01 -2.87 2.80
N LEU B 170 -11.46 -3.00 1.57
CA LEU B 170 -10.75 -3.77 0.57
C LEU B 170 -10.17 -2.90 -0.54
N ASP B 171 -8.85 -2.98 -0.75
CA ASP B 171 -8.17 -2.19 -1.77
C ASP B 171 -8.36 -2.78 -3.22
N ASN B 172 -7.67 -2.20 -4.22
CA ASN B 172 -7.82 -2.63 -5.63
C ASN B 172 -7.61 -4.12 -5.85
N GLU B 173 -6.71 -4.75 -5.09
CA GLU B 173 -6.42 -6.19 -5.22
C GLU B 173 -6.90 -7.00 -4.03
N PHE B 174 -7.93 -6.47 -3.33
CA PHE B 174 -8.66 -7.10 -2.23
C PHE B 174 -7.76 -7.39 -1.02
N HIS B 175 -6.83 -6.47 -0.75
CA HIS B 175 -5.99 -6.48 0.45
C HIS B 175 -6.68 -5.59 1.45
N VAL B 176 -6.51 -5.91 2.71
CA VAL B 176 -7.17 -5.25 3.82
C VAL B 176 -6.53 -3.91 4.21
N LYS B 177 -7.40 -2.92 4.51
CA LYS B 177 -7.02 -1.63 5.08
C LYS B 177 -8.02 -1.40 6.20
N ILE B 178 -7.55 -1.45 7.45
CA ILE B 178 -8.43 -1.23 8.60
C ILE B 178 -8.61 0.28 8.81
N ALA B 179 -9.85 0.70 9.08
CA ALA B 179 -10.23 2.08 9.33
C ALA B 179 -11.14 2.17 10.57
N ASP B 180 -11.45 3.40 11.03
CA ASP B 180 -12.33 3.72 12.17
C ASP B 180 -11.89 3.10 13.48
N PHE B 181 -10.60 3.11 13.76
CA PHE B 181 -10.08 2.56 15.01
C PHE B 181 -9.68 3.69 15.96
N GLY B 182 -9.77 3.42 17.26
CA GLY B 182 -9.40 4.34 18.32
C GLY B 182 -10.29 5.55 18.43
N LEU B 183 -11.53 5.46 17.88
CA LEU B 183 -12.50 6.55 17.90
C LEU B 183 -13.54 6.30 19.00
N GLY B 204 -25.14 0.55 14.28
CA GLY B 204 -24.33 0.02 15.37
C GLY B 204 -24.62 -1.44 15.67
N THR B 205 -23.74 -2.35 15.18
CA THR B 205 -23.89 -3.80 15.33
C THR B 205 -23.10 -4.35 16.56
N ILE B 206 -23.86 -4.86 17.54
CA ILE B 206 -23.29 -5.36 18.79
C ILE B 206 -22.67 -6.74 18.66
N ILE B 207 -22.92 -7.46 17.54
CA ILE B 207 -22.43 -8.83 17.31
C ILE B 207 -20.89 -8.94 17.45
N TYR B 208 -20.15 -7.85 17.24
CA TYR B 208 -18.69 -7.94 17.38
C TYR B 208 -18.21 -7.45 18.72
N MET B 209 -19.14 -7.13 19.66
CA MET B 209 -18.80 -6.59 20.99
C MET B 209 -18.67 -7.66 22.11
N PRO B 210 -17.52 -7.67 22.86
CA PRO B 210 -17.40 -8.58 24.00
C PRO B 210 -18.46 -8.23 25.05
N PRO B 211 -19.00 -9.23 25.81
CA PRO B 211 -20.11 -8.95 26.76
C PRO B 211 -19.78 -8.02 27.93
N GLU B 212 -18.51 -7.97 28.36
CA GLU B 212 -18.05 -7.09 29.41
C GLU B 212 -17.99 -5.61 29.00
N ASN B 213 -18.33 -5.29 27.73
CA ASN B 213 -18.34 -3.92 27.24
C ASN B 213 -19.78 -3.40 27.08
N TYR B 214 -20.77 -4.28 27.28
CA TYR B 214 -22.20 -3.97 27.21
C TYR B 214 -22.59 -2.82 28.16
N GLU B 215 -21.95 -2.76 29.34
CA GLU B 215 -22.09 -1.74 30.37
C GLU B 215 -20.64 -1.32 30.65
N PRO B 216 -20.13 -0.34 29.88
CA PRO B 216 -18.70 -0.03 29.97
C PRO B 216 -18.23 0.67 31.23
N GLY B 217 -17.04 0.26 31.66
CA GLY B 217 -16.30 0.81 32.79
C GLY B 217 -14.96 1.35 32.31
N GLN B 218 -14.11 1.84 33.22
CA GLN B 218 -12.78 2.34 32.86
C GLN B 218 -11.89 1.18 32.39
N LYS B 219 -12.13 -0.03 32.96
CA LYS B 219 -11.43 -1.30 32.70
C LYS B 219 -11.76 -1.89 31.32
N SER B 220 -13.05 -1.80 30.89
CA SER B 220 -13.54 -2.32 29.59
C SER B 220 -13.11 -1.44 28.41
N ARG B 221 -13.00 -0.11 28.66
CA ARG B 221 -12.61 0.92 27.69
C ARG B 221 -11.09 0.97 27.50
N ALA B 222 -10.35 0.34 28.44
CA ALA B 222 -8.90 0.24 28.41
C ALA B 222 -8.49 -1.22 28.17
N SER B 223 -9.47 -2.11 27.94
CA SER B 223 -9.23 -3.54 27.75
C SER B 223 -8.47 -3.87 26.47
N ILE B 224 -7.32 -4.56 26.62
CA ILE B 224 -6.55 -4.94 25.46
C ILE B 224 -7.05 -6.33 24.95
N LYS B 225 -8.21 -6.84 25.47
CA LYS B 225 -8.76 -8.12 25.01
C LYS B 225 -10.17 -7.99 24.41
N HIS B 226 -10.59 -6.76 24.02
CA HIS B 226 -11.88 -6.48 23.35
C HIS B 226 -11.78 -6.92 21.88
N ASP B 227 -10.73 -6.40 21.16
CA ASP B 227 -10.51 -6.58 19.71
C ASP B 227 -10.47 -8.01 19.27
N ILE B 228 -9.86 -8.89 20.09
CA ILE B 228 -9.78 -10.32 19.79
C ILE B 228 -11.18 -10.97 19.77
N TYR B 229 -12.12 -10.49 20.63
CA TYR B 229 -13.48 -11.02 20.62
C TYR B 229 -14.11 -10.70 19.28
N SER B 230 -13.97 -9.43 18.82
CA SER B 230 -14.49 -8.94 17.53
C SER B 230 -13.88 -9.78 16.41
N TYR B 231 -12.54 -10.00 16.47
CA TYR B 231 -11.81 -10.79 15.50
C TYR B 231 -12.33 -12.20 15.43
N ALA B 232 -12.61 -12.82 16.59
CA ALA B 232 -13.17 -14.17 16.68
C ALA B 232 -14.54 -14.26 15.98
N VAL B 233 -15.42 -13.24 16.14
CA VAL B 233 -16.72 -13.22 15.43
C VAL B 233 -16.50 -13.04 13.93
N ILE B 234 -15.54 -12.15 13.53
CA ILE B 234 -15.22 -11.92 12.11
C ILE B 234 -14.69 -13.21 11.47
N THR B 235 -13.73 -13.88 12.14
CA THR B 235 -13.17 -15.17 11.69
C THR B 235 -14.30 -16.17 11.46
N TRP B 236 -15.23 -16.31 12.44
CA TRP B 236 -16.38 -17.18 12.29
C TRP B 236 -17.20 -16.81 11.06
N GLU B 237 -17.52 -15.50 10.88
CA GLU B 237 -18.32 -14.96 9.79
C GLU B 237 -17.67 -15.14 8.42
N VAL B 238 -16.33 -14.98 8.34
CA VAL B 238 -15.57 -15.09 7.09
C VAL B 238 -15.60 -16.55 6.62
N LEU B 239 -15.31 -17.50 7.54
CA LEU B 239 -15.28 -18.92 7.22
C LEU B 239 -16.65 -19.52 6.97
N SER B 240 -17.74 -18.80 7.35
CA SER B 240 -19.12 -19.29 7.18
C SER B 240 -19.94 -18.60 6.13
N ARG B 241 -19.65 -17.30 5.82
CA ARG B 241 -20.42 -16.43 4.94
C ARG B 241 -21.89 -16.29 5.44
N LYS B 242 -22.10 -16.57 6.74
CA LYS B 242 -23.39 -16.48 7.47
C LYS B 242 -23.39 -15.25 8.40
N GLN B 243 -24.57 -14.62 8.57
CA GLN B 243 -24.76 -13.50 9.49
C GLN B 243 -24.79 -14.03 10.95
N PRO B 244 -23.87 -13.65 11.86
CA PRO B 244 -23.90 -14.19 13.22
C PRO B 244 -25.21 -13.89 13.94
N PHE B 245 -25.84 -14.94 14.54
CA PHE B 245 -27.13 -14.88 15.25
C PHE B 245 -28.27 -14.51 14.29
N GLU B 246 -28.23 -15.02 13.03
CA GLU B 246 -29.24 -14.77 11.98
C GLU B 246 -30.67 -15.09 12.46
N ASP B 247 -30.82 -16.27 13.08
CA ASP B 247 -32.06 -16.80 13.64
C ASP B 247 -32.70 -15.85 14.68
N VAL B 248 -31.85 -15.26 15.56
CA VAL B 248 -32.25 -14.32 16.60
C VAL B 248 -32.92 -13.07 16.02
N THR B 249 -34.06 -12.69 16.63
CA THR B 249 -34.92 -11.56 16.23
C THR B 249 -34.41 -10.18 16.67
N ASN B 250 -34.25 -9.98 17.99
CA ASN B 250 -33.82 -8.70 18.55
C ASN B 250 -32.34 -8.65 18.78
N PRO B 251 -31.70 -7.50 18.51
CA PRO B 251 -30.27 -7.35 18.85
C PRO B 251 -30.13 -7.35 20.37
N LEU B 252 -31.26 -7.06 21.07
CA LEU B 252 -31.34 -7.06 22.52
C LEU B 252 -31.27 -8.49 23.00
N GLN B 253 -32.01 -9.38 22.31
CA GLN B 253 -32.01 -10.82 22.57
C GLN B 253 -30.61 -11.44 22.42
N ILE B 254 -29.88 -11.04 21.34
CA ILE B 254 -28.49 -11.43 21.08
C ILE B 254 -27.66 -11.09 22.29
N MET B 255 -27.76 -9.83 22.78
CA MET B 255 -26.99 -9.37 23.94
C MET B 255 -27.20 -10.28 25.15
N TYR B 256 -28.47 -10.68 25.41
CA TYR B 256 -28.79 -11.58 26.53
C TYR B 256 -28.08 -12.94 26.38
N SER B 257 -28.32 -13.67 25.25
CA SER B 257 -27.64 -14.94 25.02
C SER B 257 -26.10 -14.80 25.03
N VAL B 258 -25.55 -13.75 24.39
CA VAL B 258 -24.10 -13.51 24.40
C VAL B 258 -23.60 -13.34 25.84
N SER B 259 -24.33 -12.57 26.69
CA SER B 259 -23.96 -12.36 28.09
C SER B 259 -24.10 -13.65 28.90
N GLN B 260 -25.08 -14.52 28.50
CA GLN B 260 -25.30 -15.83 29.12
C GLN B 260 -24.03 -16.68 28.83
N GLY B 261 -23.78 -16.93 27.54
CA GLY B 261 -22.60 -17.65 27.12
C GLY B 261 -22.59 -17.98 25.64
N HIS B 262 -23.79 -18.01 25.03
CA HIS B 262 -24.06 -18.35 23.63
C HIS B 262 -23.23 -17.52 22.63
N ARG B 263 -22.65 -18.21 21.65
CA ARG B 263 -21.84 -17.62 20.58
C ARG B 263 -22.50 -18.08 19.30
N PRO B 264 -22.11 -17.62 18.08
CA PRO B 264 -22.72 -18.20 16.87
C PRO B 264 -22.38 -19.71 16.76
N VAL B 265 -23.23 -20.49 16.06
CA VAL B 265 -23.10 -21.96 15.96
C VAL B 265 -21.85 -22.46 15.23
N ILE B 266 -21.12 -23.38 15.91
CA ILE B 266 -19.94 -24.07 15.40
C ILE B 266 -20.33 -25.55 15.14
N ASN B 267 -20.92 -25.78 13.95
CA ASN B 267 -21.41 -27.07 13.48
C ASN B 267 -21.26 -27.23 11.95
N GLU B 268 -21.44 -28.46 11.42
CA GLU B 268 -21.37 -28.81 9.99
C GLU B 268 -22.11 -27.83 9.05
N GLU B 269 -23.31 -27.35 9.43
CA GLU B 269 -24.15 -26.47 8.62
C GLU B 269 -23.50 -25.10 8.33
N SER B 270 -22.95 -24.46 9.38
CA SER B 270 -22.33 -23.14 9.33
C SER B 270 -20.86 -23.23 8.89
N LEU B 271 -20.11 -24.18 9.51
CA LEU B 271 -18.70 -24.43 9.23
C LEU B 271 -18.45 -25.89 8.74
N PRO B 272 -18.63 -26.16 7.41
CA PRO B 272 -18.41 -27.53 6.89
C PRO B 272 -17.05 -28.14 7.20
N TYR B 273 -16.92 -29.48 7.04
CA TYR B 273 -15.65 -30.17 7.34
C TYR B 273 -14.56 -29.94 6.27
N ASP B 274 -15.01 -29.51 5.04
CA ASP B 274 -14.17 -29.17 3.88
C ASP B 274 -13.42 -27.81 3.98
N ILE B 275 -13.40 -27.21 5.19
CA ILE B 275 -12.76 -25.92 5.46
C ILE B 275 -11.29 -26.15 5.76
N PRO B 276 -10.37 -25.58 4.95
CA PRO B 276 -8.94 -25.73 5.23
C PRO B 276 -8.63 -25.41 6.68
N HIS B 277 -7.84 -26.28 7.35
CA HIS B 277 -7.37 -26.10 8.73
C HIS B 277 -8.46 -25.84 9.78
N ARG B 278 -9.67 -26.40 9.54
CA ARG B 278 -10.88 -26.28 10.37
C ARG B 278 -10.63 -26.39 11.87
N ALA B 279 -9.92 -27.44 12.31
CA ALA B 279 -9.61 -27.66 13.73
C ALA B 279 -8.84 -26.48 14.33
N ARG B 280 -7.73 -26.04 13.69
CA ARG B 280 -6.87 -24.92 14.11
C ARG B 280 -7.70 -23.63 14.15
N MET B 281 -8.61 -23.46 13.16
CA MET B 281 -9.48 -22.30 13.02
C MET B 281 -10.49 -22.23 14.13
N ILE B 282 -11.30 -23.31 14.30
CA ILE B 282 -12.33 -23.43 15.34
C ILE B 282 -11.72 -23.23 16.71
N SER B 283 -10.48 -23.74 16.92
CA SER B 283 -9.74 -23.55 18.16
C SER B 283 -9.49 -22.07 18.39
N LEU B 284 -9.02 -21.37 17.33
CA LEU B 284 -8.70 -19.93 17.32
C LEU B 284 -9.95 -19.08 17.62
N ILE B 285 -11.09 -19.36 16.96
CA ILE B 285 -12.36 -18.66 17.18
C ILE B 285 -12.79 -18.78 18.67
N GLU B 286 -13.06 -20.03 19.12
CA GLU B 286 -13.46 -20.33 20.50
C GLU B 286 -12.51 -19.74 21.52
N SER B 287 -11.22 -19.72 21.22
CA SER B 287 -10.22 -19.13 22.11
C SER B 287 -10.37 -17.60 22.23
N GLY B 288 -10.71 -16.93 21.12
CA GLY B 288 -10.86 -15.48 21.02
C GLY B 288 -12.15 -14.93 21.60
N TRP B 289 -13.28 -15.63 21.39
CA TRP B 289 -14.58 -15.22 21.92
C TRP B 289 -14.89 -15.88 23.29
N ALA B 290 -13.82 -16.17 24.06
CA ALA B 290 -13.86 -16.77 25.40
C ALA B 290 -14.45 -15.74 26.35
N GLN B 291 -15.57 -16.09 27.06
CA GLN B 291 -16.25 -15.19 28.02
C GLN B 291 -15.27 -14.51 28.99
N ASN B 292 -14.16 -15.15 29.36
CA ASN B 292 -13.19 -14.50 30.23
C ASN B 292 -12.11 -13.73 29.44
N PRO B 293 -12.11 -12.38 29.49
CA PRO B 293 -11.07 -11.60 28.79
C PRO B 293 -9.62 -12.11 28.98
N ASP B 294 -9.29 -12.62 30.17
CA ASP B 294 -7.96 -13.15 30.49
C ASP B 294 -7.64 -14.45 29.74
N GLU B 295 -8.67 -15.26 29.40
CA GLU B 295 -8.57 -16.53 28.67
C GLU B 295 -8.43 -16.37 27.13
N ARG B 296 -8.38 -15.11 26.65
CA ARG B 296 -8.31 -14.73 25.23
C ARG B 296 -6.87 -14.53 24.76
N PRO B 297 -6.55 -14.98 23.52
CA PRO B 297 -5.18 -14.82 23.02
C PRO B 297 -4.87 -13.43 22.50
N SER B 298 -3.58 -13.10 22.46
CA SER B 298 -3.15 -11.85 21.86
C SER B 298 -3.24 -12.00 20.29
N PHE B 299 -3.10 -10.88 19.55
CA PHE B 299 -3.12 -10.97 18.09
C PHE B 299 -1.82 -11.64 17.61
N LEU B 300 -0.70 -11.39 18.34
CA LEU B 300 0.61 -11.98 18.07
C LEU B 300 0.58 -13.50 18.12
N LYS B 301 -0.13 -14.06 19.13
CA LYS B 301 -0.25 -15.50 19.30
C LYS B 301 -1.01 -16.08 18.13
N CYS B 302 -2.11 -15.44 17.72
CA CYS B 302 -2.92 -15.87 16.57
C CYS B 302 -2.12 -15.81 15.30
N LEU B 303 -1.27 -14.78 15.16
CA LEU B 303 -0.44 -14.62 13.96
C LEU B 303 0.49 -15.79 13.78
N ILE B 304 1.24 -16.16 14.86
CA ILE B 304 2.13 -17.32 14.94
C ILE B 304 1.37 -18.63 14.62
N GLU B 305 0.08 -18.69 14.92
CA GLU B 305 -0.75 -19.85 14.57
C GLU B 305 -1.17 -19.78 13.11
N LEU B 306 -1.36 -18.56 12.56
CA LEU B 306 -1.83 -18.33 11.20
C LEU B 306 -0.74 -18.44 10.14
N GLU B 307 0.48 -18.00 10.48
CA GLU B 307 1.65 -18.03 9.60
C GLU B 307 1.76 -19.39 8.85
N PRO B 308 1.81 -20.56 9.54
CA PRO B 308 1.83 -21.85 8.81
C PRO B 308 0.59 -22.13 7.96
N VAL B 309 -0.59 -21.70 8.41
CA VAL B 309 -1.86 -21.92 7.70
C VAL B 309 -1.79 -21.31 6.29
N LEU B 310 -1.34 -20.04 6.22
CA LEU B 310 -1.24 -19.26 4.98
C LEU B 310 -0.19 -19.82 4.03
N ARG B 311 0.87 -20.43 4.59
CA ARG B 311 1.92 -21.05 3.79
C ARG B 311 1.45 -22.31 3.06
N THR B 312 0.25 -22.85 3.37
CA THR B 312 -0.28 -24.05 2.68
C THR B 312 -1.02 -23.66 1.41
N PHE B 313 -1.03 -22.37 1.07
CA PHE B 313 -1.73 -21.86 -0.11
C PHE B 313 -0.68 -21.38 -1.09
N GLU B 314 -0.71 -21.91 -2.32
CA GLU B 314 0.23 -21.54 -3.38
C GLU B 314 0.00 -20.12 -3.76
N GLU B 315 1.07 -19.35 -3.88
CA GLU B 315 1.07 -17.93 -4.20
C GLU B 315 0.04 -17.57 -5.30
N ILE B 316 -0.05 -18.41 -6.34
CA ILE B 316 -0.95 -18.23 -7.49
C ILE B 316 -2.44 -18.23 -7.13
N THR B 317 -2.82 -18.99 -6.10
CA THR B 317 -4.23 -19.16 -5.74
C THR B 317 -4.86 -17.88 -5.25
N PHE B 318 -4.07 -17.01 -4.58
CA PHE B 318 -4.53 -15.69 -4.14
C PHE B 318 -4.92 -14.84 -5.34
N LEU B 319 -4.07 -14.82 -6.37
CA LEU B 319 -4.28 -14.11 -7.62
C LEU B 319 -5.51 -14.63 -8.40
N GLU B 320 -5.72 -15.96 -8.43
CA GLU B 320 -6.88 -16.58 -9.07
C GLU B 320 -8.21 -16.19 -8.36
N ALA B 321 -8.19 -16.14 -7.01
CA ALA B 321 -9.31 -15.78 -6.13
C ALA B 321 -9.76 -14.37 -6.46
N VAL B 322 -8.79 -13.44 -6.62
CA VAL B 322 -9.08 -12.06 -6.97
C VAL B 322 -9.69 -12.00 -8.38
N ILE B 323 -9.07 -12.66 -9.39
CA ILE B 323 -9.58 -12.71 -10.79
C ILE B 323 -11.00 -13.21 -10.80
N GLN B 324 -11.29 -14.21 -9.98
CA GLN B 324 -12.64 -14.78 -9.80
C GLN B 324 -13.69 -13.76 -9.37
N LEU B 325 -13.33 -12.77 -8.52
CA LEU B 325 -14.27 -11.74 -8.06
C LEU B 325 -14.59 -10.68 -9.11
N LYS B 326 -13.72 -10.50 -10.11
CA LYS B 326 -13.83 -9.50 -11.18
C LYS B 326 -14.78 -9.91 -12.27
O2 SB2 C . 20.93 0.18 -9.11
C1 SB2 C . 20.56 -2.49 -9.36
S1 SB2 C . 21.02 -1.08 -8.30
CA1 SB2 C . 18.49 -0.06 -5.26
CA2 SB2 C . 19.41 0.00 -6.33
CA3 SB2 C . 19.84 -1.19 -6.94
CA4 SB2 C . 19.37 -2.43 -6.49
CA5 SB2 C . 18.45 -2.50 -5.43
CA6 SB2 C . 18.00 -1.31 -4.82
NB1 SB2 C . 12.25 -4.49 -0.86
CB2 SB2 C . 12.25 -3.17 -0.58
CB3 SB2 C . 13.28 -2.35 -1.04
CB4 SB2 C . 14.34 -2.91 -1.79
CB5 SB2 C . 14.32 -4.29 -2.08
CB6 SB2 C . 13.25 -5.03 -1.58
NC1 SB2 C . 16.10 -2.35 -3.49
CC2 SB2 C . 17.05 -1.39 -3.69
NC3 SB2 C . 17.05 -0.54 -2.67
CC4 SB2 C . 16.05 -0.93 -1.79
CC5 SB2 C . 15.44 -2.07 -2.30
CD1 SB2 C . 15.55 -0.67 0.70
CD2 SB2 C . 15.39 0.17 1.83
CD3 SB2 C . 15.54 1.55 1.66
CD4 SB2 C . 15.84 2.10 0.44
CD5 SB2 C . 16.01 1.29 -0.69
CD6 SB2 C . 15.85 -0.11 -0.56
FD3 SB2 C . 15.40 2.39 2.71
O2 SB2 D . -20.35 1.91 9.22
C1 SB2 D . -21.77 2.24 7.00
S1 SB2 D . -20.41 1.38 7.80
CA1 SB2 D . -16.90 3.20 7.13
CA2 SB2 D . -18.01 2.60 7.72
CA3 SB2 D . -19.04 2.14 6.92
CA4 SB2 D . -19.02 2.25 5.52
CA5 SB2 D . -17.91 2.87 4.92
CA6 SB2 D . -16.86 3.32 5.74
NB1 SB2 D . -12.06 4.56 0.05
CB2 SB2 D . -11.36 4.78 1.20
CB3 SB2 D . -11.97 4.81 2.45
CB4 SB2 D . -13.36 4.59 2.49
CB5 SB2 D . -14.09 4.35 1.30
CB6 SB2 D . -13.38 4.35 0.10
NC1 SB2 D . -15.21 3.77 3.90
CC2 SB2 D . -15.69 3.98 5.15
NC3 SB2 D . -14.97 4.87 5.80
CC4 SB2 D . -13.95 5.28 4.96
CC5 SB2 D . -14.11 4.59 3.76
CD1 SB2 D . -12.60 7.33 4.61
CD2 SB2 D . -11.71 8.31 5.08
CD3 SB2 D . -11.26 8.24 6.39
CD4 SB2 D . -11.64 7.25 7.26
CD5 SB2 D . -12.54 6.25 6.80
CD6 SB2 D . -13.01 6.30 5.46
FD3 SB2 D . -10.41 9.21 6.81
#